data_7E3E
#
_entry.id   7E3E
#
_cell.length_a   125.100
_cell.length_b   125.100
_cell.length_c   55.020
_cell.angle_alpha   90.000
_cell.angle_beta   90.000
_cell.angle_gamma   90.000
#
_symmetry.space_group_name_H-M   'P 42 21 2'
#
loop_
_entity.id
_entity.type
_entity.pdbx_description
1 polymer 'Cysteine peptidase C (CPC)'
2 branched 2-acetamido-2-deoxy-beta-D-glucopyranose-(1-4)-2-acetamido-2-deoxy-beta-D-glucopyranose
3 branched beta-D-mannopyranose-(1-4)-2-acetamido-2-deoxy-beta-D-glucopyranose-(1-4)-2-acetamido-2-deoxy-beta-D-glucopyranose
4 water water
#
_entity_poly.entity_id   1
_entity_poly.type   'polypeptide(L)'
_entity_poly.pdbx_seq_one_letter_code
;MHLMRACITFCIASTAVVAVNAALVAEDAPVLSKAFVDRVNRLNRGIWKAKYDGVMQNITLREAKRLNGVIKKNNNASIL
PKRRFTEEEACAPLPSSFDSAEAWPNCPTIPQIADQSACGSCWAVAAASAMSDRFCTMGGVQDVHISAGDLLACCSDCGD
GCNGGDPDRAWAYFSSTGLVSDYCQPYPFPHCSHHSKSKNGYPPCSQFNFDTPKCNYTCDDPCIPVVNYRSWTSYALQGE
DDYMRELFFRGPFEVAFDVYEDFIAYNSGVYHHVSGQYLGGHAVRLVGWGTSNGVPYWKIANSWNTEWGMDGYFLIRRGS
SECGIEDGGSAGIPLAPNTA
;
_entity_poly.pdbx_strand_id   A
#
loop_
_chem_comp.id
_chem_comp.type
_chem_comp.name
_chem_comp.formula
BMA D-saccharide, beta linking beta-D-mannopyranose 'C6 H12 O6'
NAG D-saccharide, beta linking 2-acetamido-2-deoxy-beta-D-glucopyranose 'C8 H15 N O6'
#
# COMPACT_ATOMS: atom_id res chain seq x y z
N ALA A 26 -10.53 -17.39 -8.65
CA ALA A 26 -11.65 -18.17 -9.29
C ALA A 26 -11.30 -18.48 -10.76
N GLU A 27 -11.90 -17.76 -11.72
CA GLU A 27 -11.95 -18.12 -13.17
C GLU A 27 -10.74 -17.58 -13.92
N ASP A 28 -10.59 -17.95 -15.19
CA ASP A 28 -9.62 -17.35 -16.14
C ASP A 28 -10.37 -16.36 -17.04
N ALA A 29 -11.62 -16.05 -16.68
CA ALA A 29 -12.49 -14.99 -17.28
C ALA A 29 -11.91 -13.61 -16.97
N PRO A 30 -11.62 -12.77 -18.00
CA PRO A 30 -11.26 -11.37 -17.76
C PRO A 30 -12.20 -10.65 -16.78
N VAL A 31 -11.63 -9.78 -15.94
CA VAL A 31 -12.38 -8.90 -15.01
C VAL A 31 -13.04 -7.78 -15.81
N LEU A 32 -12.36 -7.24 -16.82
CA LEU A 32 -12.82 -6.04 -17.56
C LEU A 32 -13.45 -6.46 -18.91
N SER A 33 -14.38 -5.63 -19.38
CA SER A 33 -14.97 -5.65 -20.75
C SER A 33 -15.22 -4.19 -21.14
N LYS A 34 -15.36 -3.89 -22.43
CA LYS A 34 -15.68 -2.52 -22.93
C LYS A 34 -17.05 -2.07 -22.41
N ALA A 35 -18.03 -2.97 -22.37
CA ALA A 35 -19.41 -2.70 -21.90
C ALA A 35 -19.37 -2.32 -20.42
N PHE A 36 -18.61 -3.06 -19.60
CA PHE A 36 -18.43 -2.79 -18.15
C PHE A 36 -17.81 -1.38 -17.96
N VAL A 37 -16.79 -1.05 -18.73
CA VAL A 37 -16.05 0.24 -18.52
C VAL A 37 -16.94 1.41 -19.00
N ASP A 38 -17.72 1.23 -20.09
CA ASP A 38 -18.63 2.30 -20.58
C ASP A 38 -19.69 2.59 -19.49
N ARG A 39 -20.29 1.55 -18.89
CA ARG A 39 -21.25 1.72 -17.76
C ARG A 39 -20.58 2.54 -16.63
N VAL A 40 -19.33 2.22 -16.29
CA VAL A 40 -18.59 2.81 -15.13
C VAL A 40 -18.41 4.32 -15.37
N ASN A 41 -17.99 4.68 -16.58
CA ASN A 41 -17.67 6.08 -16.98
C ASN A 41 -18.96 6.92 -17.03
N ARG A 42 -20.12 6.31 -17.30
CA ARG A 42 -21.46 6.95 -17.28
C ARG A 42 -21.90 7.14 -15.82
N LEU A 43 -21.86 6.06 -15.02
CA LEU A 43 -22.31 6.06 -13.60
C LEU A 43 -21.43 6.98 -12.73
N ASN A 44 -20.12 7.13 -13.01
CA ASN A 44 -19.21 7.92 -12.14
C ASN A 44 -19.32 9.40 -12.50
N ARG A 45 -20.06 9.73 -13.56
CA ARG A 45 -20.40 11.13 -13.95
C ARG A 45 -19.17 11.93 -14.39
N GLY A 46 -18.09 11.25 -14.81
CA GLY A 46 -16.81 11.88 -15.21
C GLY A 46 -15.96 12.38 -14.03
N ILE A 47 -16.31 12.06 -12.78
CA ILE A 47 -15.51 12.43 -11.57
C ILE A 47 -14.17 11.67 -11.55
N TRP A 48 -14.14 10.42 -12.05
CA TRP A 48 -12.90 9.68 -12.34
C TRP A 48 -13.04 8.99 -13.69
N LYS A 49 -11.92 8.68 -14.35
CA LYS A 49 -11.86 8.02 -15.67
C LYS A 49 -11.40 6.55 -15.49
N ALA A 50 -12.24 5.62 -15.95
CA ALA A 50 -11.93 4.18 -16.14
C ALA A 50 -11.47 3.99 -17.58
N LYS A 51 -10.59 3.01 -17.82
CA LYS A 51 -9.96 2.75 -19.14
C LYS A 51 -9.85 1.22 -19.31
N TYR A 52 -10.46 0.68 -20.37
CA TYR A 52 -10.51 -0.77 -20.67
C TYR A 52 -9.15 -1.21 -21.26
N ASP A 53 -8.61 -0.44 -22.21
CA ASP A 53 -7.42 -0.77 -23.04
C ASP A 53 -6.14 -0.24 -22.37
N GLY A 54 -6.13 -0.14 -21.04
CA GLY A 54 -4.96 0.19 -20.23
C GLY A 54 -4.22 -1.07 -19.81
N VAL A 55 -3.37 -0.98 -18.79
CA VAL A 55 -2.33 -2.01 -18.47
C VAL A 55 -3.02 -3.27 -17.96
N MET A 56 -4.22 -3.11 -17.38
CA MET A 56 -4.99 -4.21 -16.73
C MET A 56 -6.00 -4.83 -17.71
N GLN A 57 -6.07 -4.38 -18.98
CA GLN A 57 -7.06 -4.83 -20.01
C GLN A 57 -7.33 -6.34 -19.86
N ASN A 58 -6.27 -7.16 -19.85
CA ASN A 58 -6.33 -8.64 -20.01
C ASN A 58 -6.32 -9.35 -18.64
N ILE A 59 -6.27 -8.66 -17.51
CA ILE A 59 -6.08 -9.34 -16.19
C ILE A 59 -7.26 -10.30 -15.98
N THR A 60 -6.94 -11.45 -15.37
CA THR A 60 -7.86 -12.55 -15.02
C THR A 60 -8.44 -12.35 -13.62
N LEU A 61 -9.66 -12.83 -13.39
CA LEU A 61 -10.37 -12.76 -12.10
C LEU A 61 -9.52 -13.38 -10.97
N ARG A 62 -8.78 -14.47 -11.26
CA ARG A 62 -7.90 -15.16 -10.28
C ARG A 62 -6.67 -14.29 -9.97
N GLU A 63 -6.04 -13.66 -10.98
CA GLU A 63 -4.86 -12.77 -10.81
C GLU A 63 -5.26 -11.50 -10.02
N ALA A 64 -6.42 -10.92 -10.31
CA ALA A 64 -6.95 -9.72 -9.65
C ALA A 64 -7.17 -9.98 -8.16
N LYS A 65 -7.74 -11.13 -7.80
CA LYS A 65 -8.02 -11.50 -6.39
C LYS A 65 -6.73 -11.78 -5.62
N ARG A 66 -5.67 -12.20 -6.35
CA ARG A 66 -4.31 -12.52 -5.84
C ARG A 66 -3.62 -11.22 -5.36
N LEU A 67 -3.83 -10.09 -6.05
CA LEU A 67 -3.29 -8.76 -5.67
C LEU A 67 -3.84 -8.31 -4.32
N ASN A 68 -5.01 -8.79 -3.92
CA ASN A 68 -5.77 -8.30 -2.73
C ASN A 68 -5.56 -9.25 -1.56
N GLY A 69 -4.45 -9.06 -0.83
CA GLY A 69 -3.91 -10.00 0.16
C GLY A 69 -4.22 -9.62 1.60
N VAL A 70 -5.26 -8.82 1.87
CA VAL A 70 -5.65 -8.57 3.28
C VAL A 70 -6.59 -9.70 3.72
N ILE A 71 -6.22 -10.43 4.79
CA ILE A 71 -7.13 -11.33 5.54
C ILE A 71 -7.08 -10.98 7.03
N LYS A 72 -8.26 -10.80 7.65
CA LYS A 72 -8.47 -10.67 9.12
C LYS A 72 -7.89 -9.33 9.58
N SER A 78 -9.09 -4.99 17.83
CA SER A 78 -7.69 -4.88 17.37
C SER A 78 -6.72 -5.48 18.42
N ILE A 79 -5.54 -5.88 17.97
CA ILE A 79 -4.40 -6.37 18.83
C ILE A 79 -3.40 -5.23 19.06
N LEU A 80 -3.63 -4.06 18.44
CA LEU A 80 -2.84 -2.82 18.66
C LEU A 80 -3.67 -1.88 19.53
N PRO A 81 -3.02 -1.11 20.45
CA PRO A 81 -3.71 -0.05 21.20
C PRO A 81 -4.18 1.07 20.27
N LYS A 82 -5.26 1.76 20.62
CA LYS A 82 -5.76 2.91 19.84
C LYS A 82 -4.79 4.07 20.06
N ARG A 83 -4.47 4.79 18.98
CA ARG A 83 -3.65 6.02 19.00
C ARG A 83 -4.35 7.05 19.91
N ARG A 84 -3.60 7.72 20.77
CA ARG A 84 -4.06 8.87 21.58
C ARG A 84 -3.33 10.13 21.11
N PHE A 85 -4.06 11.19 20.78
CA PHE A 85 -3.45 12.49 20.44
C PHE A 85 -3.37 13.33 21.72
N THR A 86 -2.32 14.14 21.82
CA THR A 86 -2.25 15.29 22.74
C THR A 86 -3.27 16.35 22.31
N GLU A 87 -3.49 17.35 23.17
CA GLU A 87 -4.37 18.54 22.93
C GLU A 87 -3.88 19.31 21.69
N GLU A 88 -2.57 19.57 21.62
CA GLU A 88 -1.91 20.34 20.52
C GLU A 88 -2.08 19.59 19.18
N GLU A 89 -1.94 18.28 19.17
CA GLU A 89 -2.11 17.45 17.94
C GLU A 89 -3.57 17.56 17.51
N ALA A 90 -4.52 17.40 18.44
CA ALA A 90 -5.97 17.24 18.13
C ALA A 90 -6.56 18.57 17.67
N CYS A 91 -6.03 19.70 18.16
CA CYS A 91 -6.65 21.04 18.00
C CYS A 91 -5.84 21.92 17.04
N ALA A 92 -4.89 21.33 16.32
CA ALA A 92 -4.06 22.01 15.30
C ALA A 92 -4.87 22.24 14.03
N PRO A 93 -4.80 23.44 13.41
CA PRO A 93 -5.55 23.72 12.19
C PRO A 93 -4.88 23.13 10.95
N LEU A 94 -5.40 22.02 10.43
CA LEU A 94 -4.76 21.29 9.30
C LEU A 94 -4.97 22.06 8.00
N PRO A 95 -4.01 22.06 7.07
CA PRO A 95 -4.21 22.69 5.77
C PRO A 95 -5.21 21.88 4.93
N SER A 96 -5.75 22.50 3.89
CA SER A 96 -6.81 21.92 3.03
C SER A 96 -6.14 21.00 2.00
N SER A 97 -4.81 21.14 1.85
CA SER A 97 -3.94 20.33 0.99
C SER A 97 -2.73 19.81 1.78
N PHE A 98 -2.25 18.59 1.51
CA PHE A 98 -1.03 18.00 2.12
C PHE A 98 -0.45 16.87 1.26
N ASP A 99 0.87 16.90 1.03
CA ASP A 99 1.62 15.86 0.26
C ASP A 99 2.90 15.47 1.03
N SER A 100 3.07 14.19 1.36
CA SER A 100 4.16 13.76 2.28
C SER A 100 5.53 14.07 1.67
N ALA A 101 5.67 13.91 0.35
CA ALA A 101 6.94 14.11 -0.39
C ALA A 101 7.37 15.60 -0.37
N GLU A 102 6.41 16.53 -0.37
CA GLU A 102 6.68 17.99 -0.33
C GLU A 102 6.91 18.48 1.10
N ALA A 103 6.33 17.79 2.08
CA ALA A 103 6.51 18.13 3.51
C ALA A 103 7.87 17.64 4.00
N TRP A 104 8.36 16.51 3.48
CA TRP A 104 9.69 15.94 3.82
C TRP A 104 10.50 15.77 2.53
N PRO A 105 10.96 16.89 1.90
CA PRO A 105 11.57 16.83 0.57
C PRO A 105 12.94 16.13 0.56
N ASN A 106 13.54 15.94 1.74
CA ASN A 106 14.83 15.24 1.95
C ASN A 106 14.67 13.77 2.34
N CYS A 107 13.46 13.21 2.23
CA CYS A 107 13.21 11.77 2.49
C CYS A 107 12.95 11.07 1.16
N PRO A 108 13.99 10.46 0.53
CA PRO A 108 13.87 9.92 -0.82
C PRO A 108 13.01 8.66 -0.99
N THR A 109 12.62 7.97 0.09
CA THR A 109 11.80 6.75 0.00
C THR A 109 10.32 7.09 -0.27
N ILE A 110 9.85 8.27 0.17
CA ILE A 110 8.39 8.62 0.14
C ILE A 110 7.86 8.52 -1.28
N PRO A 111 8.48 9.15 -2.30
CA PRO A 111 7.94 9.11 -3.67
C PRO A 111 8.18 7.82 -4.47
N GLN A 112 8.88 6.85 -3.92
CA GLN A 112 9.22 5.61 -4.66
C GLN A 112 8.00 4.67 -4.63
N ILE A 113 7.71 4.01 -5.75
CA ILE A 113 6.53 3.12 -5.88
C ILE A 113 7.01 1.67 -5.82
N ALA A 114 6.44 0.87 -4.92
CA ALA A 114 6.72 -0.58 -4.81
C ALA A 114 5.98 -1.38 -5.90
N ASP A 115 6.38 -2.64 -6.07
CA ASP A 115 5.76 -3.64 -6.97
C ASP A 115 5.71 -4.94 -6.17
N GLN A 116 4.54 -5.29 -5.63
CA GLN A 116 4.33 -6.54 -4.87
C GLN A 116 4.56 -7.75 -5.78
N SER A 117 4.45 -7.60 -7.11
CA SER A 117 4.59 -8.70 -8.09
C SER A 117 3.38 -9.65 -7.96
N ALA A 118 3.53 -10.93 -8.33
CA ALA A 118 2.45 -11.94 -8.34
C ALA A 118 2.31 -12.66 -7.00
N CYS A 119 2.15 -11.92 -5.89
CA CYS A 119 1.82 -12.40 -4.50
C CYS A 119 0.65 -11.60 -3.95
N GLY A 120 -0.05 -12.15 -2.97
CA GLY A 120 -0.88 -11.38 -2.02
C GLY A 120 -0.05 -10.84 -0.86
N SER A 121 0.99 -10.05 -1.16
CA SER A 121 1.98 -9.55 -0.17
C SER A 121 1.71 -8.08 0.22
N CYS A 122 0.62 -7.49 -0.27
CA CYS A 122 0.29 -6.03 -0.13
C CYS A 122 0.30 -5.67 1.37
N TRP A 123 -0.26 -6.52 2.24
CA TRP A 123 -0.23 -6.32 3.72
C TRP A 123 1.21 -6.03 4.22
N ALA A 124 2.22 -6.68 3.63
CA ALA A 124 3.63 -6.58 4.05
C ALA A 124 4.31 -5.44 3.27
N VAL A 125 3.96 -5.25 2.00
CA VAL A 125 4.65 -4.27 1.11
C VAL A 125 4.26 -2.85 1.52
N ALA A 126 2.99 -2.59 1.83
CA ALA A 126 2.53 -1.26 2.27
C ALA A 126 3.19 -0.91 3.61
N ALA A 127 3.27 -1.90 4.51
CA ALA A 127 3.87 -1.82 5.86
C ALA A 127 5.35 -1.42 5.74
N ALA A 128 6.10 -2.17 4.93
CA ALA A 128 7.57 -2.01 4.85
C ALA A 128 7.89 -0.65 4.23
N SER A 129 7.12 -0.23 3.23
CA SER A 129 7.21 1.09 2.56
C SER A 129 7.06 2.21 3.60
N ALA A 130 6.01 2.18 4.42
CA ALA A 130 5.69 3.26 5.40
C ALA A 130 6.74 3.26 6.54
N MET A 131 7.23 2.08 6.93
CA MET A 131 8.34 1.91 7.92
C MET A 131 9.63 2.55 7.37
N SER A 132 9.93 2.41 6.06
CA SER A 132 11.12 3.02 5.43
C SER A 132 10.97 4.54 5.55
N ASP A 133 9.79 5.07 5.18
CA ASP A 133 9.45 6.52 5.22
C ASP A 133 9.58 7.07 6.66
N ARG A 134 9.06 6.36 7.65
CA ARG A 134 9.08 6.82 9.07
C ARG A 134 10.49 6.79 9.68
N PHE A 135 11.42 5.97 9.16
CA PHE A 135 12.84 6.03 9.61
C PHE A 135 13.43 7.41 9.25
N CYS A 136 12.94 8.04 8.19
CA CYS A 136 13.42 9.37 7.78
C CYS A 136 12.64 10.50 8.48
N THR A 137 11.30 10.37 8.62
CA THR A 137 10.43 11.40 9.26
C THR A 137 10.65 11.43 10.78
N MET A 138 10.99 10.30 11.43
CA MET A 138 11.08 10.23 12.92
C MET A 138 12.33 9.47 13.43
N GLY A 139 12.99 8.64 12.60
CA GLY A 139 14.00 7.65 13.04
C GLY A 139 15.45 8.07 12.87
N GLY A 140 15.72 9.27 12.32
CA GLY A 140 17.08 9.82 12.09
C GLY A 140 17.88 9.09 11.01
N VAL A 141 17.21 8.35 10.13
CA VAL A 141 17.87 7.56 9.04
C VAL A 141 17.28 7.95 7.69
N GLN A 142 18.07 8.60 6.83
CA GLN A 142 17.53 9.25 5.61
C GLN A 142 17.07 8.21 4.58
N ASP A 143 17.84 7.13 4.37
CA ASP A 143 17.58 6.23 3.21
C ASP A 143 17.80 4.76 3.58
N VAL A 144 16.88 4.18 4.35
CA VAL A 144 16.82 2.70 4.61
C VAL A 144 15.49 2.19 4.08
N HIS A 145 15.53 1.14 3.25
CA HIS A 145 14.37 0.35 2.78
C HIS A 145 14.19 -0.89 3.65
N ILE A 146 13.12 -0.97 4.44
CA ILE A 146 12.78 -2.16 5.26
C ILE A 146 12.36 -3.28 4.29
N SER A 147 12.82 -4.51 4.56
CA SER A 147 12.58 -5.74 3.77
C SER A 147 11.14 -6.23 3.94
N ALA A 148 10.33 -6.09 2.89
CA ALA A 148 8.99 -6.71 2.79
C ALA A 148 9.12 -8.24 2.77
N GLY A 149 10.14 -8.77 2.08
CA GLY A 149 10.48 -10.20 2.01
C GLY A 149 10.64 -10.81 3.39
N ASP A 150 11.48 -10.20 4.23
CA ASP A 150 11.68 -10.66 5.63
C ASP A 150 10.31 -10.79 6.31
N LEU A 151 9.44 -9.78 6.20
CA LEU A 151 8.14 -9.72 6.94
C LEU A 151 7.19 -10.80 6.40
N LEU A 152 7.06 -10.87 5.09
CA LEU A 152 6.23 -11.86 4.34
C LEU A 152 6.56 -13.27 4.82
N ALA A 153 7.85 -13.59 4.98
CA ALA A 153 8.38 -14.97 5.16
C ALA A 153 8.42 -15.39 6.64
N CYS A 154 8.74 -14.50 7.57
CA CYS A 154 9.10 -14.87 8.96
C CYS A 154 7.95 -14.63 9.94
N CYS A 155 7.02 -13.72 9.66
CA CYS A 155 5.85 -13.47 10.54
C CYS A 155 4.71 -14.45 10.16
N SER A 156 4.76 -15.66 10.73
CA SER A 156 3.74 -16.74 10.56
C SER A 156 2.46 -16.35 11.30
N ASP A 157 2.59 -15.49 12.32
CA ASP A 157 1.50 -14.99 13.21
C ASP A 157 0.65 -13.97 12.43
N CYS A 158 1.24 -13.30 11.43
CA CYS A 158 0.59 -12.26 10.59
C CYS A 158 -0.39 -12.92 9.61
N GLY A 159 -0.21 -14.21 9.32
CA GLY A 159 -1.00 -14.97 8.32
C GLY A 159 -0.14 -15.95 7.54
N ASP A 160 -0.39 -16.10 6.24
CA ASP A 160 0.21 -17.13 5.36
C ASP A 160 0.82 -16.48 4.11
N GLY A 161 1.78 -15.55 4.27
CA GLY A 161 2.63 -15.04 3.18
C GLY A 161 1.83 -14.53 1.98
N CYS A 162 2.11 -15.03 0.77
CA CYS A 162 1.42 -14.59 -0.48
C CYS A 162 -0.04 -15.06 -0.57
N ASN A 163 -0.57 -15.81 0.41
CA ASN A 163 -2.02 -16.12 0.48
C ASN A 163 -2.73 -15.08 1.32
N GLY A 164 -1.99 -14.10 1.85
CA GLY A 164 -2.52 -12.89 2.53
C GLY A 164 -2.18 -12.85 4.01
N GLY A 165 -2.50 -11.74 4.69
CA GLY A 165 -2.17 -11.50 6.11
C GLY A 165 -2.76 -10.20 6.63
N ASP A 166 -2.46 -9.86 7.90
CA ASP A 166 -3.10 -8.76 8.68
C ASP A 166 -2.11 -7.62 8.93
N PRO A 167 -2.35 -6.42 8.33
CA PRO A 167 -1.53 -5.24 8.59
C PRO A 167 -1.23 -4.92 10.06
N ASP A 168 -2.22 -5.03 10.96
CA ASP A 168 -2.02 -4.72 12.41
C ASP A 168 -0.91 -5.62 12.97
N ARG A 169 -0.88 -6.89 12.57
CA ARG A 169 0.09 -7.91 13.09
C ARG A 169 1.50 -7.60 12.55
N ALA A 170 1.59 -7.17 11.29
CA ALA A 170 2.85 -6.72 10.66
C ALA A 170 3.52 -5.64 11.51
N TRP A 171 2.78 -4.62 11.95
CA TRP A 171 3.35 -3.53 12.78
C TRP A 171 3.66 -4.02 14.20
N ALA A 172 2.93 -5.02 14.72
CA ALA A 172 3.23 -5.61 16.05
C ALA A 172 4.53 -6.42 15.96
N TYR A 173 4.73 -7.10 14.83
CA TYR A 173 5.96 -7.87 14.52
C TYR A 173 7.16 -6.91 14.44
N PHE A 174 7.01 -5.73 13.83
CA PHE A 174 8.05 -4.68 13.70
C PHE A 174 8.48 -4.19 15.10
N SER A 175 7.57 -4.25 16.07
CA SER A 175 7.80 -3.84 17.48
C SER A 175 8.50 -4.95 18.28
N SER A 176 8.08 -6.20 18.16
CA SER A 176 8.53 -7.31 19.03
C SER A 176 9.79 -7.98 18.46
N THR A 177 9.82 -8.28 17.17
CA THR A 177 10.90 -9.06 16.50
C THR A 177 11.83 -8.14 15.71
N GLY A 178 11.26 -7.30 14.86
CA GLY A 178 12.00 -6.40 13.96
C GLY A 178 12.26 -7.08 12.64
N LEU A 179 12.89 -6.34 11.72
CA LEU A 179 12.97 -6.60 10.26
C LEU A 179 14.36 -6.16 9.79
N VAL A 180 14.92 -6.81 8.78
CA VAL A 180 16.19 -6.41 8.10
C VAL A 180 15.82 -5.41 7.00
N SER A 181 16.83 -4.79 6.41
CA SER A 181 16.69 -3.82 5.29
C SER A 181 16.65 -4.61 4.00
N ASP A 182 16.28 -4.02 2.87
CA ASP A 182 16.23 -4.76 1.58
C ASP A 182 17.64 -4.88 0.99
N TYR A 183 18.63 -4.20 1.57
CA TYR A 183 20.07 -4.43 1.29
C TYR A 183 20.45 -5.83 1.81
N CYS A 184 19.99 -6.19 3.02
CA CYS A 184 20.23 -7.51 3.68
C CYS A 184 19.41 -8.60 2.92
N GLN A 185 18.11 -8.37 2.71
CA GLN A 185 17.17 -9.33 2.10
C GLN A 185 16.32 -8.61 1.05
N PRO A 186 16.83 -8.46 -0.19
CA PRO A 186 16.07 -7.86 -1.29
C PRO A 186 14.78 -8.63 -1.58
N TYR A 187 13.73 -7.92 -2.04
CA TYR A 187 12.43 -8.53 -2.39
C TYR A 187 12.74 -9.63 -3.41
N PRO A 188 12.28 -10.87 -3.18
CA PRO A 188 12.62 -12.01 -4.03
C PRO A 188 11.98 -12.09 -5.42
N PHE A 189 10.90 -11.35 -5.63
CA PHE A 189 10.02 -11.45 -6.82
C PHE A 189 10.26 -10.25 -7.73
N PRO A 190 10.62 -10.45 -9.02
CA PRO A 190 10.98 -9.31 -9.89
C PRO A 190 9.78 -8.43 -10.25
N HIS A 191 10.02 -7.21 -10.74
CA HIS A 191 8.97 -6.38 -11.40
C HIS A 191 8.29 -7.26 -12.47
N CYS A 192 6.97 -7.20 -12.57
CA CYS A 192 6.20 -7.75 -13.72
C CYS A 192 5.12 -6.75 -14.20
N SER A 193 4.82 -6.80 -15.50
CA SER A 193 3.76 -6.00 -16.19
C SER A 193 2.56 -6.89 -16.52
N HIS A 194 1.39 -6.26 -16.64
CA HIS A 194 0.15 -6.86 -17.20
C HIS A 194 -0.02 -6.42 -18.68
N HIS A 195 0.74 -5.43 -19.16
CA HIS A 195 0.75 -4.91 -20.55
C HIS A 195 1.45 -5.94 -21.46
N SER A 196 1.21 -5.87 -22.77
CA SER A 196 1.88 -6.70 -23.81
C SER A 196 3.33 -6.24 -23.94
N LYS A 197 3.52 -5.00 -24.44
CA LYS A 197 4.82 -4.29 -24.48
C LYS A 197 4.85 -3.27 -23.33
N SER A 198 5.57 -3.60 -22.26
CA SER A 198 5.91 -2.70 -21.13
C SER A 198 7.01 -1.72 -21.58
N LYS A 199 6.83 -0.43 -21.31
CA LYS A 199 7.81 0.64 -21.67
C LYS A 199 9.08 0.43 -20.83
N ASN A 200 8.92 -0.14 -19.62
CA ASN A 200 10.01 -0.45 -18.65
C ASN A 200 10.71 -1.76 -19.04
N GLY A 201 10.10 -2.56 -19.92
CA GLY A 201 10.63 -3.84 -20.41
C GLY A 201 10.55 -4.92 -19.35
N TYR A 202 9.52 -4.88 -18.49
CA TYR A 202 9.27 -5.90 -17.45
C TYR A 202 8.67 -7.14 -18.10
N PRO A 203 8.92 -8.34 -17.53
CA PRO A 203 8.25 -9.56 -17.98
C PRO A 203 6.76 -9.60 -17.57
N PRO A 204 5.88 -10.33 -18.31
CA PRO A 204 4.48 -10.51 -17.91
C PRO A 204 4.27 -11.18 -16.55
N CYS A 205 3.26 -10.76 -15.79
CA CYS A 205 2.82 -11.37 -14.50
C CYS A 205 2.07 -12.70 -14.71
N SER A 206 1.46 -12.90 -15.88
CA SER A 206 0.78 -14.17 -16.27
C SER A 206 1.77 -15.34 -16.26
N GLN A 207 3.04 -15.05 -16.53
CA GLN A 207 4.18 -16.02 -16.58
C GLN A 207 4.57 -16.51 -15.18
N PHE A 208 4.13 -15.85 -14.11
CA PHE A 208 4.59 -16.09 -12.71
C PHE A 208 3.39 -16.38 -11.80
N ASN A 209 3.60 -17.22 -10.80
CA ASN A 209 2.69 -17.36 -9.62
C ASN A 209 3.50 -17.95 -8.45
N PHE A 210 3.81 -17.09 -7.46
CA PHE A 210 4.89 -17.30 -6.45
C PHE A 210 4.32 -17.79 -5.12
N ASP A 211 5.01 -18.71 -4.45
CA ASP A 211 4.70 -19.14 -3.06
C ASP A 211 5.51 -18.28 -2.10
N THR A 212 5.08 -18.24 -0.82
CA THR A 212 5.78 -17.61 0.32
C THR A 212 7.24 -18.04 0.31
N PRO A 213 8.20 -17.09 0.33
CA PRO A 213 9.62 -17.45 0.39
C PRO A 213 9.99 -18.06 1.75
N LYS A 214 11.11 -18.77 1.81
CA LYS A 214 11.67 -19.30 3.09
C LYS A 214 12.12 -18.11 3.96
N CYS A 215 11.93 -18.25 5.27
CA CYS A 215 12.43 -17.32 6.31
C CYS A 215 13.94 -17.59 6.52
N ASN A 216 14.80 -16.59 6.25
CA ASN A 216 16.28 -16.68 6.44
C ASN A 216 16.73 -15.82 7.66
N TYR A 217 17.79 -16.23 8.35
CA TYR A 217 18.35 -15.57 9.57
C TYR A 217 19.70 -14.89 9.27
N THR A 218 20.17 -14.92 8.02
CA THR A 218 21.32 -14.14 7.50
C THR A 218 20.84 -13.36 6.26
N CYS A 219 21.61 -12.38 5.80
CA CYS A 219 21.38 -11.67 4.52
C CYS A 219 21.52 -12.69 3.37
N ASP A 220 20.92 -12.43 2.20
CA ASP A 220 21.02 -13.33 1.02
C ASP A 220 22.49 -13.50 0.64
N ASP A 221 23.26 -12.41 0.68
CA ASP A 221 24.74 -12.45 0.67
C ASP A 221 25.17 -12.51 2.12
N PRO A 222 25.61 -13.68 2.64
CA PRO A 222 25.96 -13.81 4.05
C PRO A 222 27.16 -12.95 4.49
N CYS A 223 27.91 -12.36 3.55
CA CYS A 223 28.98 -11.37 3.83
C CYS A 223 28.40 -10.01 4.28
N ILE A 224 27.14 -9.70 3.97
CA ILE A 224 26.47 -8.47 4.52
C ILE A 224 25.98 -8.80 5.93
N PRO A 225 26.47 -8.11 6.99
CA PRO A 225 26.02 -8.40 8.35
C PRO A 225 24.54 -8.01 8.55
N VAL A 226 23.82 -8.79 9.36
CA VAL A 226 22.38 -8.59 9.72
C VAL A 226 22.32 -7.35 10.60
N VAL A 227 21.54 -6.33 10.21
CA VAL A 227 21.15 -5.19 11.09
C VAL A 227 19.62 -5.28 11.31
N ASN A 228 19.19 -5.34 12.58
CA ASN A 228 17.77 -5.49 13.00
C ASN A 228 17.18 -4.08 13.23
N TYR A 229 16.04 -3.77 12.61
CA TYR A 229 15.31 -2.47 12.76
C TYR A 229 13.94 -2.74 13.41
N ARG A 230 13.59 -1.95 14.42
CA ARG A 230 12.41 -2.13 15.31
C ARG A 230 11.65 -0.80 15.43
N SER A 231 10.35 -0.84 15.70
CA SER A 231 9.62 0.28 16.32
C SER A 231 9.65 0.12 17.85
N TRP A 232 9.52 1.20 18.62
CA TRP A 232 9.35 1.11 20.11
C TRP A 232 7.87 1.16 20.50
N THR A 233 6.97 1.48 19.56
CA THR A 233 5.50 1.48 19.77
C THR A 233 4.76 1.38 18.44
N SER A 234 3.69 0.60 18.41
CA SER A 234 2.80 0.39 17.25
C SER A 234 1.36 0.59 17.73
N TYR A 235 0.46 1.09 16.85
CA TYR A 235 -0.90 1.53 17.24
C TYR A 235 -1.85 1.54 16.04
N ALA A 236 -3.16 1.62 16.30
CA ALA A 236 -4.26 1.61 15.29
C ALA A 236 -4.91 2.99 15.17
N LEU A 237 -5.42 3.31 13.98
CA LEU A 237 -6.18 4.56 13.69
C LEU A 237 -7.50 4.24 12.98
N GLN A 238 -8.50 5.09 13.23
CA GLN A 238 -9.86 5.05 12.66
C GLN A 238 -10.32 6.49 12.36
N GLY A 239 -10.82 6.75 11.15
CA GLY A 239 -11.66 7.93 10.86
C GLY A 239 -10.87 9.03 10.18
N GLU A 240 -11.53 9.84 9.34
CA GLU A 240 -10.89 10.92 8.53
C GLU A 240 -9.95 11.76 9.40
N ASP A 241 -10.43 12.22 10.55
CA ASP A 241 -9.70 13.21 11.40
C ASP A 241 -8.40 12.58 11.93
N ASP A 242 -8.49 11.38 12.55
CA ASP A 242 -7.31 10.61 13.03
C ASP A 242 -6.30 10.46 11.89
N TYR A 243 -6.74 10.06 10.70
CA TYR A 243 -5.86 9.84 9.51
C TYR A 243 -5.08 11.12 9.15
N MET A 244 -5.74 12.27 9.10
CA MET A 244 -5.10 13.54 8.66
C MET A 244 -4.09 13.97 9.72
N ARG A 245 -4.43 13.85 11.01
CA ARG A 245 -3.53 14.26 12.11
C ARG A 245 -2.29 13.35 12.15
N GLU A 246 -2.47 12.03 12.03
CA GLU A 246 -1.33 11.09 12.07
C GLU A 246 -0.39 11.39 10.90
N LEU A 247 -0.95 11.60 9.71
CA LEU A 247 -0.14 11.86 8.49
C LEU A 247 0.69 13.13 8.67
N PHE A 248 0.05 14.20 9.13
CA PHE A 248 0.62 15.56 9.23
C PHE A 248 1.82 15.57 10.18
N PHE A 249 1.69 14.91 11.34
CA PHE A 249 2.68 14.92 12.43
C PHE A 249 3.75 13.83 12.22
N ARG A 250 3.46 12.69 11.59
CA ARG A 250 4.38 11.51 11.62
C ARG A 250 4.65 10.86 10.26
N GLY A 251 3.88 11.16 9.20
CA GLY A 251 4.17 10.73 7.82
C GLY A 251 3.37 9.50 7.38
N PRO A 252 3.67 8.96 6.18
CA PRO A 252 2.89 7.86 5.63
C PRO A 252 2.65 6.68 6.58
N PHE A 253 1.49 6.03 6.43
CA PHE A 253 1.13 4.80 7.18
C PHE A 253 0.23 3.91 6.31
N GLU A 254 -0.14 2.75 6.86
CA GLU A 254 -0.84 1.66 6.13
C GLU A 254 -2.35 1.71 6.41
N VAL A 255 -3.14 1.63 5.34
CA VAL A 255 -4.62 1.53 5.39
C VAL A 255 -5.05 0.44 4.42
N ALA A 256 -6.31 0.01 4.50
CA ALA A 256 -6.89 -1.05 3.65
C ALA A 256 -8.30 -0.67 3.24
N PHE A 257 -8.74 -1.21 2.11
CA PHE A 257 -10.09 -0.96 1.53
C PHE A 257 -10.55 -2.21 0.79
N ASP A 258 -11.85 -2.25 0.45
CA ASP A 258 -12.47 -3.32 -0.37
C ASP A 258 -12.25 -2.98 -1.84
N VAL A 259 -11.65 -3.90 -2.59
CA VAL A 259 -11.42 -3.72 -4.06
C VAL A 259 -12.59 -4.37 -4.80
N TYR A 260 -13.23 -3.62 -5.69
CA TYR A 260 -14.32 -4.04 -6.61
C TYR A 260 -13.75 -4.00 -8.03
N GLU A 261 -14.42 -4.64 -9.00
CA GLU A 261 -13.82 -4.82 -10.35
C GLU A 261 -13.61 -3.43 -10.98
N ASP A 262 -14.41 -2.41 -10.62
CA ASP A 262 -14.28 -1.09 -11.30
C ASP A 262 -12.91 -0.47 -11.01
N PHE A 263 -12.32 -0.71 -9.81
CA PHE A 263 -11.06 -0.08 -9.35
C PHE A 263 -9.90 -0.55 -10.22
N ILE A 264 -9.94 -1.82 -10.66
CA ILE A 264 -8.92 -2.47 -11.54
C ILE A 264 -8.71 -1.61 -12.80
N ALA A 265 -9.76 -0.93 -13.25
CA ALA A 265 -9.78 -0.13 -14.50
C ALA A 265 -9.40 1.33 -14.25
N TYR A 266 -9.07 1.73 -13.01
CA TYR A 266 -8.76 3.14 -12.64
C TYR A 266 -7.56 3.68 -13.45
N ASN A 267 -7.71 4.91 -13.93
CA ASN A 267 -6.70 5.63 -14.76
C ASN A 267 -6.34 6.98 -14.14
N SER A 268 -7.33 7.78 -13.67
CA SER A 268 -7.15 9.15 -13.15
C SER A 268 -8.41 9.63 -12.42
N GLY A 269 -8.32 10.73 -11.66
CA GLY A 269 -9.48 11.33 -10.96
C GLY A 269 -9.68 10.74 -9.57
N VAL A 270 -10.77 11.11 -8.90
CA VAL A 270 -11.14 10.67 -7.52
C VAL A 270 -12.10 9.48 -7.61
N TYR A 271 -11.57 8.29 -7.33
CA TYR A 271 -12.28 7.01 -7.44
C TYR A 271 -13.41 7.00 -6.41
N HIS A 272 -14.59 6.51 -6.81
CA HIS A 272 -15.65 5.97 -5.91
C HIS A 272 -16.33 4.80 -6.64
N HIS A 273 -16.65 3.75 -5.90
CA HIS A 273 -17.26 2.48 -6.40
C HIS A 273 -18.63 2.80 -6.99
N VAL A 274 -18.90 2.32 -8.21
CA VAL A 274 -20.25 2.40 -8.85
C VAL A 274 -20.69 1.04 -9.42
N SER A 275 -19.80 0.07 -9.68
CA SER A 275 -20.16 -1.27 -10.22
C SER A 275 -18.99 -2.26 -10.09
N GLY A 276 -19.33 -3.56 -10.13
CA GLY A 276 -18.38 -4.68 -10.17
C GLY A 276 -18.46 -5.46 -8.87
N GLN A 277 -18.17 -6.76 -8.89
CA GLN A 277 -18.16 -7.63 -7.67
C GLN A 277 -16.89 -7.43 -6.82
N TYR A 278 -16.97 -7.81 -5.54
CA TYR A 278 -15.94 -7.70 -4.47
C TYR A 278 -14.78 -8.64 -4.83
N LEU A 279 -13.53 -8.16 -4.79
CA LEU A 279 -12.31 -8.97 -5.15
C LEU A 279 -11.43 -9.27 -3.93
N GLY A 280 -11.68 -8.64 -2.78
CA GLY A 280 -10.90 -8.81 -1.54
C GLY A 280 -10.48 -7.50 -0.91
N GLY A 281 -9.84 -7.58 0.26
CA GLY A 281 -9.17 -6.46 0.97
C GLY A 281 -7.77 -6.23 0.45
N HIS A 282 -7.40 -4.97 0.27
CA HIS A 282 -6.07 -4.56 -0.25
C HIS A 282 -5.45 -3.50 0.66
N ALA A 283 -4.20 -3.72 1.08
CA ALA A 283 -3.42 -2.77 1.91
C ALA A 283 -2.63 -1.81 1.00
N VAL A 284 -2.59 -0.51 1.34
CA VAL A 284 -1.93 0.57 0.55
C VAL A 284 -1.31 1.59 1.51
N ARG A 285 -0.57 2.57 0.98
CA ARG A 285 0.19 3.59 1.75
C ARG A 285 -0.42 4.98 1.52
N LEU A 286 -1.02 5.54 2.55
CA LEU A 286 -1.58 6.92 2.53
C LEU A 286 -0.43 7.93 2.61
N VAL A 287 -0.32 8.80 1.62
CA VAL A 287 0.74 9.85 1.55
C VAL A 287 0.16 11.28 1.52
N GLY A 288 -1.13 11.52 1.22
CA GLY A 288 -1.64 12.91 1.16
C GLY A 288 -3.16 13.09 1.21
N TRP A 289 -3.61 14.35 1.04
CA TRP A 289 -5.03 14.72 0.84
C TRP A 289 -5.15 16.08 0.16
N GLY A 290 -6.29 16.32 -0.50
CA GLY A 290 -6.63 17.59 -1.16
C GLY A 290 -8.10 17.66 -1.55
N THR A 291 -8.45 18.66 -2.35
CA THR A 291 -9.78 18.81 -3.01
C THR A 291 -9.57 19.06 -4.50
N SER A 292 -10.26 18.32 -5.35
CA SER A 292 -10.23 18.46 -6.84
C SER A 292 -11.65 18.78 -7.33
N ASN A 293 -11.91 20.07 -7.64
CA ASN A 293 -13.22 20.59 -8.15
C ASN A 293 -14.33 20.31 -7.15
N GLY A 294 -14.12 20.60 -5.86
CA GLY A 294 -15.11 20.42 -4.78
C GLY A 294 -15.18 18.99 -4.23
N VAL A 295 -14.46 18.03 -4.82
CA VAL A 295 -14.44 16.61 -4.37
C VAL A 295 -13.22 16.36 -3.47
N PRO A 296 -13.44 16.09 -2.15
CA PRO A 296 -12.36 15.75 -1.23
C PRO A 296 -11.75 14.38 -1.59
N TYR A 297 -10.43 14.23 -1.47
CA TYR A 297 -9.73 12.94 -1.77
C TYR A 297 -8.59 12.65 -0.77
N TRP A 298 -8.18 11.38 -0.73
CA TRP A 298 -6.87 10.90 -0.24
C TRP A 298 -5.95 10.59 -1.44
N LYS A 299 -4.66 10.96 -1.32
CA LYS A 299 -3.61 10.51 -2.27
C LYS A 299 -2.94 9.27 -1.69
N ILE A 300 -2.81 8.22 -2.49
CA ILE A 300 -2.40 6.87 -2.01
C ILE A 300 -1.40 6.23 -2.98
N ALA A 301 -0.31 5.70 -2.46
CA ALA A 301 0.69 4.92 -3.22
C ALA A 301 0.27 3.45 -3.26
N ASN A 302 -0.11 2.96 -4.43
CA ASN A 302 -0.43 1.52 -4.65
C ASN A 302 0.91 0.79 -4.79
N SER A 303 0.89 -0.54 -4.84
CA SER A 303 2.08 -1.43 -4.99
C SER A 303 2.01 -2.24 -6.30
N TRP A 304 1.51 -1.66 -7.40
CA TRP A 304 1.39 -2.34 -8.72
C TRP A 304 2.26 -1.63 -9.76
N ASN A 305 3.41 -1.07 -9.33
CA ASN A 305 4.45 -0.38 -10.15
C ASN A 305 3.88 0.91 -10.76
N THR A 306 4.72 1.62 -11.52
CA THR A 306 4.46 3.01 -12.01
C THR A 306 3.67 2.97 -13.33
N GLU A 307 3.35 1.78 -13.84
CA GLU A 307 2.54 1.63 -15.08
C GLU A 307 1.05 1.79 -14.78
N TRP A 308 0.59 1.49 -13.57
CA TRP A 308 -0.86 1.48 -13.20
C TRP A 308 -1.27 2.83 -12.58
N GLY A 309 -2.47 3.33 -12.88
CA GLY A 309 -3.04 4.55 -12.30
C GLY A 309 -2.26 5.79 -12.69
N MET A 310 -2.13 6.75 -11.77
CA MET A 310 -1.38 8.03 -11.97
C MET A 310 0.06 7.84 -11.51
N ASP A 311 0.87 7.16 -12.32
CA ASP A 311 2.32 6.86 -12.08
C ASP A 311 2.47 6.03 -10.80
N GLY A 312 1.50 5.16 -10.54
CA GLY A 312 1.53 4.18 -9.42
C GLY A 312 0.65 4.62 -8.27
N TYR A 313 0.09 5.84 -8.37
CA TYR A 313 -0.80 6.48 -7.37
C TYR A 313 -2.25 6.38 -7.84
N PHE A 314 -3.16 6.55 -6.87
CA PHE A 314 -4.59 6.81 -7.13
C PHE A 314 -5.08 7.85 -6.12
N LEU A 315 -6.19 8.50 -6.50
CA LEU A 315 -7.00 9.40 -5.65
C LEU A 315 -8.32 8.69 -5.32
N ILE A 316 -8.75 8.66 -4.06
CA ILE A 316 -10.02 8.01 -3.66
C ILE A 316 -10.80 9.01 -2.81
N ARG A 317 -12.14 8.98 -2.88
CA ARG A 317 -13.05 9.91 -2.15
C ARG A 317 -12.79 9.81 -0.63
N ARG A 318 -12.60 10.96 0.00
CA ARG A 318 -12.36 11.15 1.46
C ARG A 318 -13.64 11.67 2.11
N GLY A 319 -13.97 11.21 3.33
CA GLY A 319 -15.06 11.77 4.16
C GLY A 319 -16.16 10.77 4.51
N SER A 320 -16.37 9.71 3.72
CA SER A 320 -17.58 8.84 3.79
C SER A 320 -17.17 7.37 3.97
N SER A 321 -15.92 7.13 4.40
CA SER A 321 -15.23 5.82 4.40
C SER A 321 -15.51 5.02 3.10
N GLU A 322 -15.14 5.58 1.93
CA GLU A 322 -15.30 4.96 0.59
C GLU A 322 -14.63 3.59 0.59
N CYS A 323 -15.40 2.52 0.30
CA CYS A 323 -14.97 1.10 0.35
C CYS A 323 -14.30 0.76 1.69
N GLY A 324 -14.68 1.45 2.77
CA GLY A 324 -14.16 1.21 4.14
C GLY A 324 -12.72 1.70 4.36
N ILE A 325 -12.17 2.54 3.47
CA ILE A 325 -10.75 3.01 3.55
C ILE A 325 -10.48 3.68 4.91
N GLU A 326 -11.45 4.32 5.54
CA GLU A 326 -11.22 5.03 6.83
C GLU A 326 -11.54 4.12 8.03
N ASP A 327 -11.78 2.81 7.84
CA ASP A 327 -12.20 1.92 8.96
C ASP A 327 -11.02 1.45 9.80
N GLY A 328 -9.77 1.49 9.32
CA GLY A 328 -8.63 0.85 10.01
C GLY A 328 -7.26 1.18 9.40
N GLY A 329 -6.43 1.93 10.11
CA GLY A 329 -5.03 2.19 9.74
C GLY A 329 -4.09 1.58 10.77
N SER A 330 -2.84 1.32 10.38
CA SER A 330 -1.77 0.74 11.24
C SER A 330 -0.50 1.58 11.09
N ALA A 331 0.14 1.95 12.20
CA ALA A 331 1.37 2.78 12.18
C ALA A 331 2.22 2.56 13.43
N GLY A 332 3.29 3.33 13.55
CA GLY A 332 4.32 3.09 14.58
C GLY A 332 5.48 4.04 14.46
N ILE A 333 6.31 4.09 15.51
CA ILE A 333 7.50 4.98 15.58
C ILE A 333 8.75 4.12 15.55
N PRO A 334 9.53 4.16 14.45
CA PRO A 334 10.83 3.49 14.39
C PRO A 334 11.71 3.89 15.58
N LEU A 335 12.53 2.94 16.05
CA LEU A 335 13.57 3.21 17.08
C LEU A 335 14.88 3.59 16.38
N ALA A 336 15.40 4.79 16.66
CA ALA A 336 16.68 5.27 16.10
C ALA A 336 17.76 4.23 16.47
N PRO A 337 18.62 3.75 15.54
CA PRO A 337 19.70 2.82 15.93
C PRO A 337 20.76 3.39 16.90
N ASN A 338 21.50 2.49 17.59
CA ASN A 338 22.59 2.81 18.56
C ASN A 338 22.18 3.96 19.48
C1 NAG B . -4.30 -7.76 -24.34
C2 NAG B . -3.25 -6.72 -24.66
C3 NAG B . -3.31 -6.32 -26.14
C4 NAG B . -3.31 -7.51 -27.09
C5 NAG B . -4.37 -8.50 -26.65
C6 NAG B . -4.34 -9.75 -27.54
C7 NAG B . -2.54 -4.93 -23.11
C8 NAG B . -2.84 -3.52 -22.72
N2 NAG B . -3.43 -5.48 -23.94
O3 NAG B . -2.20 -5.49 -26.42
O4 NAG B . -3.55 -7.02 -28.42
O5 NAG B . -4.12 -8.84 -25.27
O6 NAG B . -4.79 -10.91 -26.83
O7 NAG B . -1.50 -5.50 -22.75
C1 NAG B . -2.57 -7.48 -29.40
C2 NAG B . -3.05 -7.01 -30.79
C3 NAG B . -1.92 -6.81 -31.84
C4 NAG B . -0.52 -6.58 -31.27
C5 NAG B . -0.29 -7.54 -30.10
C6 NAG B . 1.14 -7.54 -29.53
C7 NAG B . -5.34 -7.97 -31.00
C8 NAG B . -6.11 -9.21 -31.38
N2 NAG B . -4.03 -8.03 -31.22
O3 NAG B . -2.26 -5.65 -32.61
O4 NAG B . 0.51 -6.74 -32.27
O5 NAG B . -1.22 -7.12 -29.10
O6 NAG B . 1.24 -8.48 -28.46
O7 NAG B . -5.91 -7.02 -30.49
C1 NAG C . 15.71 -17.07 1.69
C2 NAG C . 14.95 -16.10 0.78
C3 NAG C . 14.39 -16.83 -0.41
C4 NAG C . 15.48 -17.56 -1.15
C5 NAG C . 16.40 -18.35 -0.22
C6 NAG C . 17.71 -18.69 -0.92
C7 NAG C . 13.77 -14.12 1.64
C8 NAG C . 12.61 -13.63 2.43
N2 NAG C . 13.84 -15.44 1.44
O3 NAG C . 13.78 -15.90 -1.31
O4 NAG C . 14.80 -18.44 -2.03
O5 NAG C . 16.78 -17.63 0.96
O6 NAG C . 17.90 -20.04 -0.59
O7 NAG C . 14.65 -13.34 1.26
C1 NAG C . 15.31 -18.38 -3.38
C2 NAG C . 14.95 -19.62 -4.19
C3 NAG C . 15.31 -19.42 -5.67
C4 NAG C . 14.99 -18.04 -6.24
C5 NAG C . 15.41 -16.95 -5.27
C6 NAG C . 14.97 -15.56 -5.75
C7 NAG C . 15.16 -21.56 -2.59
C8 NAG C . 16.07 -22.67 -2.14
N2 NAG C . 15.60 -20.83 -3.65
O3 NAG C . 14.49 -20.31 -6.43
O4 NAG C . 15.62 -17.86 -7.53
O5 NAG C . 14.79 -17.21 -4.00
O6 NAG C . 15.43 -14.54 -4.85
O7 NAG C . 14.12 -21.37 -1.97
C1 BMA C . 14.73 -18.19 -8.65
C2 BMA C . 15.00 -17.29 -9.88
C3 BMA C . 14.30 -17.81 -11.15
C4 BMA C . 13.86 -19.29 -11.18
C5 BMA C . 13.73 -20.01 -9.83
C6 BMA C . 13.78 -21.54 -9.96
O2 BMA C . 16.40 -17.02 -10.13
O3 BMA C . 15.11 -17.55 -12.30
O4 BMA C . 12.59 -19.31 -11.82
O5 BMA C . 14.81 -19.57 -9.01
O6 BMA C . 12.91 -22.18 -9.01
#